data_8KA3
#
_entry.id   8KA3
#
_cell.length_a   136.731
_cell.length_b   52.295
_cell.length_c   71.095
_cell.angle_alpha   90.000
_cell.angle_beta   117.030
_cell.angle_gamma   90.000
#
_symmetry.space_group_name_H-M   'C 1 2 1'
#
loop_
_entity.id
_entity.type
_entity.pdbx_description
1 polymer 'DNA-(apurinic or apyrimidinic site) endonuclease, chloroplastic'
2 polymer 'DNA (43-MER)'
3 non-polymer 'NICKEL (II) ION'
4 non-polymer "1',2'-DIDEOXYRIBOFURANOSE-5'-PHOSPHATE"
5 water water
#
loop_
_entity_poly.entity_id
_entity_poly.type
_entity_poly.pdbx_seq_one_letter_code
_entity_poly.pdbx_strand_id
1 'polypeptide(L)'
;QSEPWTVLAHKKPQKDWKAYNPKTMRPPPLPEGTKCVKVMTWNVNGLRGLLKFESFSALQLAQRENFDILCLQETKLQVK
DVEEIKKTLIDGYDHSFWSCSVSKLGYSGTAIISRIKPLSVRYGTGLSGHDTEGRIVTAEFDSFYLINTYVPNSGDGLKR
LSYRIEEWDRTLSNHIKELEKSKPVVLTGDLNCAHEEIDIFNPAGNKRSAGFTIEERQSFGANLLDKGFVDTFRKQHPGV
VGYTYWGYRHGGRKTNKGWRLDYFLVSQSIAANVHDSYILPDINGSDHCPIGLILKL
;
A
2 'polydeoxyribonucleotide'
;(DG)(DC)(DT)(DG)(DA)(DT)(DG)(DC)(DG)(DC)(DC)(DG)(DA)(DC)(DG)(DG)(DA)(DT)(DC)(DC)
(DG)(DC)(DG)(DG)(DA)(DT)(DC)(DC)(DG)(DT)(DC)(DG)(DG)(DG)(DC)(DG)(DC)(DA)(DT)(DC)
(DA)(DG)(DC)
;
D,C,F
#
loop_
_chem_comp.id
_chem_comp.type
_chem_comp.name
_chem_comp.formula
3DR DNA linking 1',2'-DIDEOXYRIBOFURANOSE-5'-PHOSPHATE 'C5 H11 O6 P'
DA DNA linking 2'-DEOXYADENOSINE-5'-MONOPHOSPHATE 'C10 H14 N5 O6 P'
DC DNA linking 2'-DEOXYCYTIDINE-5'-MONOPHOSPHATE 'C9 H14 N3 O7 P'
DG DNA linking 2'-DEOXYGUANOSINE-5'-MONOPHOSPHATE 'C10 H14 N5 O7 P'
DT DNA linking THYMIDINE-5'-MONOPHOSPHATE 'C10 H15 N2 O8 P'
NI non-polymer 'NICKEL (II) ION' 'Ni 2'
#
# COMPACT_ATOMS: atom_id res chain seq x y z
N SER A 2 -3.69 -23.84 8.60
CA SER A 2 -4.71 -22.88 9.00
C SER A 2 -4.62 -21.61 8.17
N GLU A 3 -5.76 -21.19 7.61
CA GLU A 3 -5.85 -19.99 6.79
C GLU A 3 -6.91 -19.08 7.41
N PRO A 4 -6.54 -18.30 8.43
CA PRO A 4 -7.54 -17.46 9.11
C PRO A 4 -8.13 -16.36 8.23
N TRP A 5 -7.46 -15.99 7.15
CA TRP A 5 -7.98 -14.94 6.28
C TRP A 5 -9.16 -15.41 5.44
N THR A 6 -9.29 -16.71 5.21
CA THR A 6 -10.45 -17.25 4.50
C THR A 6 -11.70 -17.28 5.37
N VAL A 7 -11.58 -17.11 6.68
CA VAL A 7 -12.71 -17.07 7.59
C VAL A 7 -13.12 -15.62 7.77
N LEU A 8 -14.43 -15.37 7.74
CA LEU A 8 -14.96 -14.02 7.80
C LEU A 8 -15.09 -13.57 9.25
N ALA A 9 -14.34 -12.53 9.62
CA ALA A 9 -14.38 -11.96 10.96
C ALA A 9 -14.83 -10.51 10.85
N HIS A 10 -15.99 -10.20 11.44
CA HIS A 10 -16.58 -8.88 11.36
C HIS A 10 -17.61 -8.71 12.46
N LYS A 11 -17.61 -7.53 13.10
CA LYS A 11 -18.56 -7.27 14.17
C LYS A 11 -19.95 -6.96 13.61
N LYS A 12 -20.02 -6.25 12.49
CA LYS A 12 -21.29 -5.90 11.84
C LYS A 12 -21.18 -6.25 10.37
N PRO A 13 -21.32 -7.53 10.01
CA PRO A 13 -21.15 -7.94 8.61
C PRO A 13 -22.44 -7.88 7.81
N GLN A 14 -22.42 -8.44 6.61
CA GLN A 14 -23.61 -8.54 5.77
C GLN A 14 -23.67 -9.94 5.18
N LYS A 15 -24.86 -10.31 4.71
CA LYS A 15 -25.04 -11.65 4.14
C LYS A 15 -24.34 -11.80 2.80
N ASP A 16 -24.25 -10.72 2.02
CA ASP A 16 -23.62 -10.77 0.71
C ASP A 16 -22.10 -10.76 0.77
N TRP A 17 -21.52 -10.49 1.94
CA TRP A 17 -20.07 -10.37 2.05
C TRP A 17 -19.41 -11.74 2.16
N LYS A 18 -18.24 -11.87 1.53
CA LYS A 18 -17.44 -13.07 1.62
C LYS A 18 -15.99 -12.69 1.88
N ALA A 19 -15.30 -13.53 2.65
CA ALA A 19 -13.91 -13.26 2.99
C ALA A 19 -13.01 -13.50 1.78
N TYR A 20 -11.94 -12.70 1.71
CA TYR A 20 -11.00 -12.80 0.59
C TYR A 20 -10.21 -14.10 0.67
N ASN A 21 -10.15 -14.82 -0.45
CA ASN A 21 -9.35 -16.04 -0.57
C ASN A 21 -8.51 -15.88 -1.83
N PRO A 22 -7.20 -15.60 -1.70
CA PRO A 22 -6.37 -15.40 -2.90
C PRO A 22 -6.22 -16.65 -3.75
N LYS A 23 -6.51 -17.84 -3.20
CA LYS A 23 -6.40 -19.06 -3.98
C LYS A 23 -7.49 -19.12 -5.04
N THR A 24 -8.73 -18.80 -4.66
CA THR A 24 -9.89 -18.95 -5.54
C THR A 24 -10.35 -17.63 -6.16
N MET A 25 -10.28 -16.52 -5.41
CA MET A 25 -10.83 -15.25 -5.89
C MET A 25 -9.86 -14.47 -6.78
N ARG A 26 -8.72 -15.06 -7.15
CA ARG A 26 -7.84 -14.35 -8.07
C ARG A 26 -7.98 -14.88 -9.49
N PRO A 27 -7.84 -14.01 -10.48
CA PRO A 27 -7.81 -14.47 -11.87
C PRO A 27 -6.45 -15.04 -12.22
N PRO A 28 -6.36 -15.84 -13.28
CA PRO A 28 -5.07 -16.42 -13.65
C PRO A 28 -4.20 -15.41 -14.35
N PRO A 29 -2.88 -15.64 -14.41
CA PRO A 29 -1.99 -14.67 -15.05
C PRO A 29 -2.27 -14.51 -16.53
N LEU A 30 -1.72 -13.45 -17.09
CA LEU A 30 -1.89 -13.13 -18.49
C LEU A 30 -1.05 -14.06 -19.36
N PRO A 31 -1.42 -14.22 -20.64
CA PRO A 31 -0.61 -15.00 -21.56
C PRO A 31 0.84 -14.51 -21.59
N GLU A 32 1.77 -15.47 -21.71
CA GLU A 32 3.19 -15.15 -21.73
C GLU A 32 3.53 -14.25 -22.92
N GLY A 33 3.72 -12.96 -22.65
CA GLY A 33 3.95 -11.98 -23.68
C GLY A 33 2.99 -10.82 -23.67
N THR A 34 1.93 -10.85 -22.86
CA THR A 34 1.01 -9.74 -22.76
C THR A 34 1.70 -8.56 -22.10
N LYS A 35 1.79 -7.45 -22.82
CA LYS A 35 2.45 -6.25 -22.30
C LYS A 35 1.75 -5.75 -21.05
N CYS A 36 2.38 -5.93 -19.89
CA CYS A 36 1.79 -5.56 -18.62
C CYS A 36 2.90 -5.06 -17.69
N VAL A 37 2.54 -4.83 -16.43
CA VAL A 37 3.49 -4.44 -15.40
C VAL A 37 2.94 -4.91 -14.05
N LYS A 38 3.81 -5.52 -13.25
CA LYS A 38 3.42 -6.06 -11.95
C LYS A 38 4.08 -5.24 -10.85
N VAL A 39 3.26 -4.77 -9.91
CA VAL A 39 3.72 -3.92 -8.82
C VAL A 39 3.26 -4.54 -7.50
N MET A 40 4.16 -4.55 -6.52
CA MET A 40 3.84 -5.00 -5.18
C MET A 40 4.10 -3.90 -4.17
N THR A 41 3.35 -3.95 -3.06
CA THR A 41 3.46 -2.96 -2.00
C THR A 41 3.38 -3.70 -0.66
N TRP A 42 4.19 -3.27 0.30
CA TRP A 42 4.29 -3.99 1.58
C TRP A 42 4.86 -3.05 2.63
N ASN A 43 4.10 -2.86 3.71
CA ASN A 43 4.60 -2.13 4.88
C ASN A 43 5.42 -3.12 5.72
N VAL A 44 6.74 -2.93 5.74
CA VAL A 44 7.61 -3.92 6.34
C VAL A 44 7.73 -3.78 7.85
N ASN A 45 7.32 -2.65 8.41
CA ASN A 45 7.48 -2.36 9.83
C ASN A 45 8.92 -2.61 10.27
N GLY A 46 9.81 -1.77 9.72
CA GLY A 46 11.23 -1.92 9.96
C GLY A 46 11.85 -2.94 9.03
N LEU A 47 12.47 -2.47 7.94
CA LEU A 47 13.05 -3.38 6.96
C LEU A 47 14.22 -4.16 7.55
N ARG A 48 14.98 -3.56 8.45
CA ARG A 48 16.07 -4.28 9.11
C ARG A 48 15.54 -5.38 10.02
N GLY A 49 14.35 -5.20 10.59
CA GLY A 49 13.74 -6.25 11.39
C GLY A 49 13.09 -7.34 10.56
N LEU A 50 12.56 -6.98 9.39
CA LEU A 50 12.01 -7.99 8.48
C LEU A 50 13.10 -8.92 7.97
N LEU A 51 14.27 -8.37 7.65
CA LEU A 51 15.36 -9.19 7.13
C LEU A 51 16.00 -10.03 8.23
N LYS A 52 16.03 -9.52 9.46
CA LYS A 52 16.49 -10.33 10.58
C LYS A 52 15.54 -11.50 10.82
N PHE A 53 14.25 -11.33 10.54
CA PHE A 53 13.30 -12.43 10.64
C PHE A 53 13.46 -13.40 9.47
N GLU A 54 13.28 -12.91 8.25
CA GLU A 54 13.46 -13.71 7.05
C GLU A 54 14.32 -12.91 6.07
N SER A 55 15.51 -13.44 5.76
CA SER A 55 16.45 -12.71 4.91
C SER A 55 15.97 -12.63 3.48
N PHE A 56 15.27 -13.66 2.99
CA PHE A 56 14.83 -13.72 1.61
C PHE A 56 13.39 -13.25 1.43
N SER A 57 12.95 -12.27 2.23
CA SER A 57 11.58 -11.81 2.14
C SER A 57 11.30 -11.16 0.79
N ALA A 58 12.28 -10.44 0.24
CA ALA A 58 12.09 -9.81 -1.06
C ALA A 58 12.20 -10.83 -2.19
N LEU A 59 13.12 -11.79 -2.07
CA LEU A 59 13.29 -12.79 -3.12
C LEU A 59 12.06 -13.70 -3.22
N GLN A 60 11.50 -14.10 -2.07
CA GLN A 60 10.31 -14.93 -2.09
C GLN A 60 9.11 -14.23 -2.67
N LEU A 61 9.14 -12.89 -2.78
CA LEU A 61 8.10 -12.18 -3.51
C LEU A 61 8.34 -12.29 -5.02
N ALA A 62 9.58 -12.15 -5.46
CA ALA A 62 9.88 -12.29 -6.88
C ALA A 62 9.70 -13.72 -7.36
N GLN A 63 9.87 -14.70 -6.45
CA GLN A 63 9.65 -16.08 -6.83
C GLN A 63 8.16 -16.40 -6.96
N ARG A 64 7.31 -15.74 -6.18
CA ARG A 64 5.88 -16.02 -6.17
C ARG A 64 5.11 -15.18 -7.19
N GLU A 65 5.52 -13.94 -7.42
CA GLU A 65 4.79 -13.04 -8.31
C GLU A 65 5.59 -12.50 -9.48
N ASN A 66 6.93 -12.52 -9.41
CA ASN A 66 7.78 -12.01 -10.47
C ASN A 66 7.43 -10.55 -10.80
N PHE A 67 7.42 -9.72 -9.76
CA PHE A 67 7.05 -8.33 -9.91
C PHE A 67 8.11 -7.55 -10.67
N ASP A 68 7.69 -6.44 -11.27
CA ASP A 68 8.63 -5.50 -11.86
C ASP A 68 9.06 -4.41 -10.89
N ILE A 69 8.17 -4.01 -9.99
CA ILE A 69 8.42 -2.92 -9.05
C ILE A 69 7.96 -3.37 -7.66
N LEU A 70 8.76 -3.04 -6.64
CA LEU A 70 8.42 -3.31 -5.25
C LEU A 70 8.42 -1.99 -4.49
N CYS A 71 7.28 -1.64 -3.91
CA CYS A 71 7.12 -0.44 -3.10
C CYS A 71 7.06 -0.81 -1.63
N LEU A 72 7.76 -0.04 -0.80
CA LEU A 72 7.86 -0.35 0.63
C LEU A 72 7.49 0.88 1.45
N GLN A 73 6.99 0.63 2.66
CA GLN A 73 6.69 1.67 3.62
C GLN A 73 7.22 1.25 4.98
N GLU A 74 7.41 2.25 5.85
CA GLU A 74 7.88 2.03 7.22
C GLU A 74 9.18 1.21 7.23
N THR A 75 10.10 1.58 6.33
CA THR A 75 11.39 0.90 6.29
C THR A 75 12.20 1.18 7.55
N LYS A 76 11.93 2.31 8.21
CA LYS A 76 12.63 2.70 9.44
C LYS A 76 14.15 2.73 9.22
N LEU A 77 14.56 3.17 8.03
CA LEU A 77 15.95 3.25 7.66
C LEU A 77 16.46 4.68 7.79
N GLN A 78 17.71 4.81 8.19
CA GLN A 78 18.40 6.10 8.14
C GLN A 78 19.07 6.27 6.78
N VAL A 79 19.44 7.52 6.48
CA VAL A 79 20.05 7.82 5.19
C VAL A 79 21.37 7.08 5.01
N LYS A 80 22.03 6.72 6.11
CA LYS A 80 23.29 5.99 6.05
C LYS A 80 23.10 4.50 5.84
N ASP A 81 21.90 3.97 6.11
CA ASP A 81 21.64 2.54 6.01
C ASP A 81 21.19 2.10 4.62
N VAL A 82 21.12 3.02 3.66
CA VAL A 82 20.58 2.68 2.35
C VAL A 82 21.54 1.79 1.58
N GLU A 83 22.81 2.18 1.49
CA GLU A 83 23.76 1.48 0.63
C GLU A 83 23.95 0.03 1.05
N GLU A 84 23.90 -0.26 2.35
CA GLU A 84 24.08 -1.64 2.79
C GLU A 84 22.84 -2.47 2.47
N ILE A 85 21.65 -1.91 2.65
CA ILE A 85 20.42 -2.61 2.25
C ILE A 85 20.35 -2.70 0.73
N LYS A 86 20.88 -1.71 0.02
CA LYS A 86 20.81 -1.67 -1.44
C LYS A 86 21.47 -2.88 -2.09
N LYS A 87 22.42 -3.52 -1.42
CA LYS A 87 23.17 -4.62 -2.01
C LYS A 87 22.72 -5.99 -1.52
N THR A 88 22.05 -6.08 -0.38
CA THR A 88 21.70 -7.35 0.23
C THR A 88 20.20 -7.64 0.22
N LEU A 89 19.39 -6.78 -0.40
CA LEU A 89 17.95 -7.01 -0.42
C LEU A 89 17.57 -7.97 -1.55
N ILE A 90 17.91 -7.63 -2.79
CA ILE A 90 17.56 -8.43 -3.95
C ILE A 90 18.43 -8.00 -5.11
N ASP A 91 18.69 -8.93 -6.02
CA ASP A 91 19.43 -8.64 -7.25
C ASP A 91 18.45 -8.51 -8.42
N GLY A 92 18.97 -8.00 -9.54
CA GLY A 92 18.17 -7.83 -10.74
C GLY A 92 17.24 -6.64 -10.72
N TYR A 93 17.23 -5.85 -9.64
CA TYR A 93 16.39 -4.65 -9.53
C TYR A 93 17.33 -3.48 -9.25
N ASP A 94 18.01 -3.02 -10.30
CA ASP A 94 19.10 -2.06 -10.14
C ASP A 94 18.59 -0.66 -9.81
N HIS A 95 17.35 -0.33 -10.14
CA HIS A 95 16.81 1.02 -9.93
C HIS A 95 16.02 1.02 -8.62
N SER A 96 16.71 1.31 -7.52
CA SER A 96 16.11 1.39 -6.20
C SER A 96 16.31 2.79 -5.65
N PHE A 97 15.22 3.39 -5.16
CA PHE A 97 15.23 4.75 -4.65
C PHE A 97 14.73 4.73 -3.21
N TRP A 98 15.45 5.40 -2.33
CA TRP A 98 15.24 5.30 -0.88
C TRP A 98 15.10 6.70 -0.30
N SER A 99 13.92 7.02 0.21
CA SER A 99 13.66 8.27 0.92
C SER A 99 13.55 7.94 2.41
N CYS A 100 14.53 8.38 3.20
CA CYS A 100 14.58 8.12 4.62
C CYS A 100 14.18 9.35 5.41
N SER A 101 13.78 9.12 6.66
CA SER A 101 13.37 10.21 7.54
C SER A 101 14.59 10.82 8.21
N VAL A 102 14.80 12.13 8.01
CA VAL A 102 15.86 12.86 8.68
C VAL A 102 15.37 13.57 9.94
N SER A 103 14.06 13.76 10.09
CA SER A 103 13.50 14.38 11.28
C SER A 103 13.63 13.44 12.47
N LYS A 104 12.85 12.37 12.47
CA LYS A 104 12.94 11.32 13.48
C LYS A 104 13.71 10.14 12.90
N LEU A 105 14.79 9.74 13.57
CA LEU A 105 15.65 8.68 13.06
C LEU A 105 15.07 7.31 13.36
N GLY A 106 15.25 6.39 12.42
CA GLY A 106 14.71 5.05 12.57
C GLY A 106 13.20 5.05 12.66
N TYR A 107 12.55 5.71 11.71
CA TYR A 107 11.12 5.98 11.76
C TYR A 107 10.64 6.32 10.37
N SER A 108 9.43 5.89 10.04
CA SER A 108 8.81 6.16 8.72
C SER A 108 9.73 5.57 7.64
N GLY A 109 9.86 6.23 6.50
CA GLY A 109 10.75 5.75 5.45
C GLY A 109 10.04 4.94 4.39
N THR A 110 10.17 5.37 3.14
CA THR A 110 9.59 4.66 2.00
C THR A 110 10.70 4.23 1.05
N ALA A 111 10.31 3.46 0.04
CA ALA A 111 11.27 2.96 -0.95
C ALA A 111 10.52 2.49 -2.19
N ILE A 112 11.21 2.56 -3.33
CA ILE A 112 10.71 2.03 -4.59
C ILE A 112 11.87 1.29 -5.25
N ILE A 113 11.71 -0.02 -5.46
CA ILE A 113 12.76 -0.87 -6.00
C ILE A 113 12.22 -1.47 -7.29
N SER A 114 12.82 -1.09 -8.42
CA SER A 114 12.30 -1.46 -9.73
C SER A 114 13.40 -2.08 -10.59
N ARG A 115 12.96 -2.85 -11.58
CA ARG A 115 13.85 -3.40 -12.60
C ARG A 115 13.66 -2.73 -13.96
N ILE A 116 12.73 -1.80 -14.08
CA ILE A 116 12.56 -0.98 -15.27
C ILE A 116 13.00 0.44 -14.93
N LYS A 117 13.81 1.04 -15.80
CA LYS A 117 14.40 2.33 -15.51
C LYS A 117 13.34 3.43 -15.57
N PRO A 118 13.08 4.14 -14.47
CA PRO A 118 12.12 5.25 -14.52
C PRO A 118 12.69 6.42 -15.29
N LEU A 119 11.78 7.20 -15.90
CA LEU A 119 12.21 8.41 -16.60
C LEU A 119 12.71 9.46 -15.62
N SER A 120 12.11 9.54 -14.43
CA SER A 120 12.48 10.49 -13.41
C SER A 120 11.86 10.09 -12.10
N VAL A 121 12.57 10.32 -11.01
CA VAL A 121 12.10 10.06 -9.65
C VAL A 121 12.29 11.31 -8.82
N ARG A 122 11.33 11.59 -7.94
CA ARG A 122 11.39 12.77 -7.10
C ARG A 122 10.70 12.49 -5.77
N TYR A 123 11.40 12.74 -4.66
CA TYR A 123 10.81 12.59 -3.35
C TYR A 123 10.02 13.85 -2.97
N GLY A 124 9.10 13.66 -2.03
CA GLY A 124 8.31 14.77 -1.54
C GLY A 124 7.33 15.30 -2.59
N THR A 125 6.63 16.37 -2.19
CA THR A 125 5.64 17.00 -3.05
C THR A 125 6.31 17.97 -4.01
N GLY A 126 5.49 18.68 -4.79
CA GLY A 126 6.00 19.63 -5.76
C GLY A 126 6.62 18.98 -6.97
N THR A 132 10.69 15.14 4.16
CA THR A 132 11.52 15.26 5.36
C THR A 132 11.48 13.97 6.18
N GLU A 133 10.31 13.33 6.21
CA GLU A 133 10.14 12.05 6.89
C GLU A 133 10.13 10.88 5.92
N GLY A 134 10.46 11.11 4.65
CA GLY A 134 10.49 10.06 3.66
C GLY A 134 9.16 9.36 3.48
N ARG A 135 8.20 10.05 2.88
CA ARG A 135 6.84 9.52 2.75
C ARG A 135 6.29 9.56 1.33
N ILE A 136 7.00 10.16 0.38
CA ILE A 136 6.49 10.30 -0.99
C ILE A 136 7.63 10.00 -1.94
N VAL A 137 7.42 9.02 -2.83
CA VAL A 137 8.36 8.70 -3.90
C VAL A 137 7.56 8.61 -5.19
N THR A 138 7.72 9.60 -6.05
CA THR A 138 7.03 9.63 -7.34
C THR A 138 8.01 9.20 -8.42
N ALA A 139 7.65 8.15 -9.18
CA ALA A 139 8.51 7.59 -10.22
C ALA A 139 7.79 7.71 -11.56
N GLU A 140 8.40 8.44 -12.49
CA GLU A 140 7.84 8.60 -13.82
C GLU A 140 8.19 7.39 -14.69
N PHE A 141 7.24 6.99 -15.54
CA PHE A 141 7.49 5.92 -16.49
C PHE A 141 7.03 6.31 -17.88
N ASP A 142 7.06 5.37 -18.82
CA ASP A 142 6.72 5.68 -20.21
C ASP A 142 5.25 6.03 -20.39
N SER A 143 4.38 5.63 -19.46
CA SER A 143 2.95 5.86 -19.63
C SER A 143 2.22 6.22 -18.34
N PHE A 144 2.89 6.24 -17.19
CA PHE A 144 2.19 6.49 -15.94
C PHE A 144 3.20 6.85 -14.85
N TYR A 145 2.73 7.64 -13.89
CA TYR A 145 3.45 7.86 -12.65
C TYR A 145 3.08 6.77 -11.64
N LEU A 146 3.97 6.57 -10.67
CA LEU A 146 3.74 5.61 -9.60
C LEU A 146 4.20 6.26 -8.30
N ILE A 147 3.26 6.56 -7.42
CA ILE A 147 3.54 7.25 -6.16
C ILE A 147 3.38 6.23 -5.04
N ASN A 148 4.49 5.95 -4.35
CA ASN A 148 4.48 5.13 -3.15
C ASN A 148 4.42 6.06 -1.94
N THR A 149 3.41 5.86 -1.08
CA THR A 149 3.11 6.80 -0.02
C THR A 149 2.92 6.07 1.31
N TYR A 150 3.54 6.59 2.36
CA TYR A 150 3.27 6.20 3.74
C TYR A 150 2.65 7.39 4.44
N VAL A 151 1.38 7.25 4.84
CA VAL A 151 0.62 8.36 5.39
C VAL A 151 0.83 8.44 6.90
N PRO A 152 1.09 9.62 7.46
CA PRO A 152 1.27 9.73 8.91
C PRO A 152 -0.02 9.42 9.66
N ASN A 153 0.15 8.93 10.88
CA ASN A 153 -0.97 8.55 11.74
C ASN A 153 -1.30 9.68 12.70
N SER A 154 -2.60 9.79 13.03
CA SER A 154 -3.04 10.82 13.96
C SER A 154 -2.55 10.54 15.38
N GLY A 155 -2.33 9.27 15.72
CA GLY A 155 -1.78 8.92 17.01
C GLY A 155 -2.82 8.94 18.13
N ASP A 156 -2.35 8.57 19.32
CA ASP A 156 -3.21 8.57 20.49
C ASP A 156 -3.65 10.00 20.83
N GLY A 157 -4.97 10.18 20.93
CA GLY A 157 -5.53 11.49 21.15
C GLY A 157 -5.82 12.29 19.89
N LEU A 158 -5.49 11.74 18.72
CA LEU A 158 -5.71 12.41 17.43
C LEU A 158 -5.05 13.78 17.40
N LYS A 159 -3.79 13.82 17.84
CA LYS A 159 -3.07 15.09 17.92
C LYS A 159 -2.80 15.65 16.52
N ARG A 160 -2.43 14.79 15.58
CA ARG A 160 -2.13 15.22 14.21
C ARG A 160 -3.30 15.03 13.27
N LEU A 161 -4.53 14.92 13.80
CA LEU A 161 -5.69 14.73 12.94
C LEU A 161 -5.93 15.94 12.05
N SER A 162 -5.85 17.14 12.63
CA SER A 162 -6.00 18.35 11.82
C SER A 162 -4.87 18.48 10.81
N TYR A 163 -3.66 18.10 11.19
CA TYR A 163 -2.55 18.10 10.25
C TYR A 163 -2.74 17.07 9.15
N ARG A 164 -3.46 15.99 9.43
CA ARG A 164 -3.71 14.97 8.42
C ARG A 164 -4.75 15.41 7.41
N ILE A 165 -5.78 16.11 7.85
CA ILE A 165 -6.90 16.49 6.98
C ILE A 165 -6.59 17.76 6.20
N GLU A 166 -6.24 18.85 6.91
CA GLU A 166 -6.10 20.15 6.29
C GLU A 166 -4.74 20.37 5.64
N GLU A 167 -3.76 19.51 5.91
CA GLU A 167 -2.41 19.72 5.38
C GLU A 167 -1.95 18.55 4.51
N TRP A 168 -1.95 17.33 5.03
CA TRP A 168 -1.40 16.21 4.26
C TRP A 168 -2.32 15.79 3.12
N ASP A 169 -3.60 15.51 3.43
CA ASP A 169 -4.51 15.03 2.41
C ASP A 169 -4.74 16.06 1.31
N ARG A 170 -4.61 17.35 1.63
CA ARG A 170 -4.77 18.38 0.61
C ARG A 170 -3.56 18.44 -0.31
N THR A 171 -2.35 18.38 0.25
CA THR A 171 -1.15 18.44 -0.57
C THR A 171 -0.96 17.17 -1.39
N LEU A 172 -1.31 16.02 -0.81
CA LEU A 172 -1.21 14.76 -1.55
C LEU A 172 -2.13 14.77 -2.77
N SER A 173 -3.34 15.29 -2.61
CA SER A 173 -4.27 15.36 -3.72
C SER A 173 -3.76 16.29 -4.82
N ASN A 174 -3.27 17.47 -4.44
CA ASN A 174 -2.76 18.42 -5.43
C ASN A 174 -1.53 17.88 -6.13
N HIS A 175 -0.70 17.09 -5.43
CA HIS A 175 0.45 16.46 -6.07
C HIS A 175 0.00 15.47 -7.14
N ILE A 176 -1.07 14.71 -6.86
CA ILE A 176 -1.50 13.69 -7.80
C ILE A 176 -2.15 14.32 -9.02
N LYS A 177 -2.94 15.38 -8.82
CA LYS A 177 -3.64 15.99 -9.94
C LYS A 177 -2.68 16.74 -10.87
N GLU A 178 -1.63 17.34 -10.32
CA GLU A 178 -0.64 18.00 -11.17
C GLU A 178 0.10 16.98 -12.04
N LEU A 179 0.17 15.72 -11.58
CA LEU A 179 0.77 14.67 -12.39
C LEU A 179 -0.17 14.20 -13.48
N GLU A 180 -1.48 14.17 -13.19
CA GLU A 180 -2.45 13.72 -14.18
C GLU A 180 -2.49 14.64 -15.40
N LYS A 181 -2.07 15.91 -15.25
CA LYS A 181 -2.00 16.80 -16.39
C LYS A 181 -1.04 16.30 -17.45
N SER A 182 -0.08 15.45 -17.06
CA SER A 182 0.89 14.89 -17.99
C SER A 182 0.57 13.46 -18.38
N LYS A 183 0.31 12.60 -17.41
CA LYS A 183 0.05 11.19 -17.65
C LYS A 183 -0.58 10.59 -16.40
N PRO A 184 -1.32 9.48 -16.52
CA PRO A 184 -2.12 9.01 -15.39
C PRO A 184 -1.26 8.51 -14.23
N VAL A 185 -1.94 8.18 -13.14
CA VAL A 185 -1.33 7.96 -11.84
C VAL A 185 -1.74 6.60 -11.30
N VAL A 186 -0.78 5.88 -10.74
CA VAL A 186 -1.02 4.66 -9.98
C VAL A 186 -0.56 4.93 -8.56
N LEU A 187 -1.49 5.27 -7.68
CA LEU A 187 -1.16 5.62 -6.30
C LEU A 187 -1.23 4.37 -5.43
N THR A 188 -0.10 4.01 -4.81
CA THR A 188 -0.03 2.85 -3.94
C THR A 188 0.59 3.27 -2.61
N GLY A 189 0.61 2.33 -1.67
CA GLY A 189 1.26 2.51 -0.39
C GLY A 189 0.28 2.32 0.76
N ASP A 190 0.74 2.73 1.94
CA ASP A 190 -0.06 2.64 3.17
C ASP A 190 -0.80 3.95 3.34
N LEU A 191 -2.06 3.99 2.89
CA LEU A 191 -2.85 5.20 3.02
C LEU A 191 -3.28 5.47 4.46
N ASN A 192 -3.12 4.50 5.36
CA ASN A 192 -3.35 4.68 6.79
C ASN A 192 -4.78 5.18 7.06
N CYS A 193 -5.75 4.53 6.44
CA CYS A 193 -7.15 4.89 6.64
C CYS A 193 -8.03 3.74 6.17
N ALA A 194 -8.89 3.24 7.06
CA ALA A 194 -9.91 2.28 6.67
C ALA A 194 -11.06 3.04 6.03
N HIS A 195 -11.21 2.90 4.72
CA HIS A 195 -12.12 3.75 3.96
C HIS A 195 -13.57 3.56 4.42
N GLU A 196 -14.11 2.37 4.22
CA GLU A 196 -15.49 2.06 4.55
C GLU A 196 -15.54 1.08 5.72
N GLU A 197 -16.77 0.79 6.18
CA GLU A 197 -16.96 -0.13 7.28
C GLU A 197 -16.59 -1.56 6.92
N ILE A 198 -16.60 -1.90 5.62
CA ILE A 198 -16.17 -3.21 5.17
C ILE A 198 -14.66 -3.38 5.25
N ASP A 199 -13.93 -2.29 5.45
CA ASP A 199 -12.47 -2.31 5.52
C ASP A 199 -11.95 -2.32 6.95
N ILE A 200 -12.76 -2.81 7.89
CA ILE A 200 -12.37 -2.88 9.29
C ILE A 200 -13.28 -3.89 9.97
N PHE A 201 -12.70 -4.67 10.90
CA PHE A 201 -13.46 -5.73 11.54
C PHE A 201 -14.37 -5.20 12.64
N ASN A 202 -14.04 -4.06 13.24
CA ASN A 202 -14.83 -3.47 14.32
C ASN A 202 -15.03 -1.99 14.01
N PRO A 203 -15.94 -1.66 13.08
CA PRO A 203 -16.15 -0.25 12.74
C PRO A 203 -16.76 0.56 13.87
N ALA A 204 -17.63 -0.03 14.68
CA ALA A 204 -18.29 0.72 15.75
C ALA A 204 -17.31 1.05 16.87
N GLY A 205 -16.43 0.13 17.21
CA GLY A 205 -15.47 0.33 18.29
C GLY A 205 -14.27 1.19 17.95
N ASN A 206 -14.13 1.62 16.69
CA ASN A 206 -13.02 2.45 16.27
C ASN A 206 -13.52 3.72 15.59
N LYS A 207 -14.68 4.23 16.01
CA LYS A 207 -15.21 5.45 15.41
C LYS A 207 -14.37 6.66 15.79
N ARG A 208 -13.84 6.68 17.01
CA ARG A 208 -12.97 7.75 17.47
C ARG A 208 -11.50 7.36 17.44
N SER A 209 -11.18 6.17 16.96
CA SER A 209 -9.80 5.71 16.89
C SER A 209 -9.14 6.16 15.60
N ALA A 210 -7.85 6.47 15.68
CA ALA A 210 -7.10 6.96 14.52
C ALA A 210 -7.10 5.92 13.41
N GLY A 211 -7.43 6.36 12.20
CA GLY A 211 -7.49 5.52 11.03
C GLY A 211 -8.90 5.33 10.49
N PHE A 212 -9.90 5.32 11.36
CA PHE A 212 -11.29 5.14 10.96
C PHE A 212 -12.17 6.32 11.35
N THR A 213 -11.56 7.45 11.71
CA THR A 213 -12.34 8.65 11.99
C THR A 213 -13.06 9.12 10.74
N ILE A 214 -14.23 9.73 10.96
CA ILE A 214 -15.04 10.21 9.84
C ILE A 214 -14.29 11.29 9.08
N GLU A 215 -13.49 12.10 9.77
CA GLU A 215 -12.70 13.13 9.10
C GLU A 215 -11.74 12.52 8.09
N GLU A 216 -11.07 11.43 8.47
CA GLU A 216 -10.16 10.77 7.55
C GLU A 216 -10.90 10.07 6.42
N ARG A 217 -12.09 9.54 6.70
CA ARG A 217 -12.84 8.79 5.69
C ARG A 217 -13.47 9.71 4.66
N GLN A 218 -13.89 10.91 5.06
CA GLN A 218 -14.42 11.86 4.08
C GLN A 218 -13.32 12.40 3.18
N SER A 219 -12.12 12.60 3.74
CA SER A 219 -10.99 13.04 2.92
C SER A 219 -10.54 11.93 1.97
N PHE A 220 -10.77 10.66 2.34
CA PHE A 220 -10.46 9.56 1.44
C PHE A 220 -11.28 9.64 0.17
N GLY A 221 -12.54 10.08 0.28
CA GLY A 221 -13.38 10.24 -0.89
C GLY A 221 -13.14 11.56 -1.60
N ALA A 222 -13.19 12.66 -0.84
CA ALA A 222 -13.10 13.99 -1.44
C ALA A 222 -11.74 14.23 -2.08
N ASN A 223 -10.67 14.10 -1.29
CA ASN A 223 -9.33 14.43 -1.80
C ASN A 223 -8.79 13.38 -2.76
N LEU A 224 -9.29 12.14 -2.72
CA LEU A 224 -8.70 11.06 -3.49
C LEU A 224 -9.68 10.48 -4.50
N LEU A 225 -10.69 9.73 -4.06
CA LEU A 225 -11.53 8.98 -5.01
C LEU A 225 -12.36 9.92 -5.88
N ASP A 226 -12.96 10.95 -5.28
CA ASP A 226 -13.80 11.86 -6.06
C ASP A 226 -12.98 12.80 -6.95
N LYS A 227 -11.67 12.63 -7.05
CA LYS A 227 -10.84 13.35 -7.99
C LYS A 227 -10.56 12.54 -9.25
N GLY A 228 -11.35 11.49 -9.49
CA GLY A 228 -11.17 10.65 -10.66
C GLY A 228 -10.26 9.47 -10.39
N PHE A 229 -10.59 8.67 -9.37
CA PHE A 229 -9.75 7.55 -8.99
C PHE A 229 -10.59 6.37 -8.55
N VAL A 230 -10.02 5.18 -8.66
CA VAL A 230 -10.69 3.93 -8.38
C VAL A 230 -9.86 3.14 -7.38
N ASP A 231 -10.51 2.59 -6.37
CA ASP A 231 -9.87 1.64 -5.46
C ASP A 231 -9.96 0.27 -6.13
N THR A 232 -8.83 -0.22 -6.63
CA THR A 232 -8.83 -1.39 -7.51
C THR A 232 -9.34 -2.63 -6.80
N PHE A 233 -8.85 -2.89 -5.58
CA PHE A 233 -9.27 -4.10 -4.88
C PHE A 233 -10.76 -4.09 -4.56
N ARG A 234 -11.29 -2.93 -4.15
CA ARG A 234 -12.70 -2.84 -3.84
C ARG A 234 -13.54 -2.92 -5.12
N LYS A 235 -13.06 -2.30 -6.20
CA LYS A 235 -13.81 -2.36 -7.47
C LYS A 235 -13.70 -3.73 -8.12
N GLN A 236 -12.57 -4.42 -7.95
CA GLN A 236 -12.43 -5.76 -8.51
C GLN A 236 -13.25 -6.77 -7.71
N HIS A 237 -13.30 -6.62 -6.38
CA HIS A 237 -14.05 -7.50 -5.50
C HIS A 237 -15.02 -6.66 -4.67
N PRO A 238 -16.13 -6.22 -5.26
CA PRO A 238 -17.12 -5.45 -4.49
C PRO A 238 -17.81 -6.36 -3.48
N GLY A 239 -17.93 -5.87 -2.25
CA GLY A 239 -18.55 -6.66 -1.20
C GLY A 239 -17.73 -7.84 -0.74
N VAL A 240 -16.41 -7.73 -0.77
CA VAL A 240 -15.50 -8.79 -0.32
C VAL A 240 -14.62 -8.22 0.78
N VAL A 241 -14.57 -8.92 1.90
CA VAL A 241 -13.81 -8.46 3.06
C VAL A 241 -12.36 -8.95 2.92
N GLY A 242 -11.43 -8.01 2.92
CA GLY A 242 -10.02 -8.32 2.89
C GLY A 242 -9.21 -7.37 3.74
N TYR A 243 -8.25 -7.89 4.50
CA TYR A 243 -7.45 -7.07 5.40
C TYR A 243 -5.98 -7.14 5.03
N THR A 244 -5.28 -6.02 5.22
CA THR A 244 -3.84 -5.92 4.98
C THR A 244 -3.07 -5.51 6.22
N TYR A 245 -3.72 -5.46 7.38
CA TYR A 245 -3.04 -5.09 8.62
C TYR A 245 -3.65 -5.88 9.78
N TRP A 246 -2.80 -6.25 10.73
CA TRP A 246 -3.25 -6.92 11.95
C TRP A 246 -2.37 -6.48 13.09
N GLY A 247 -2.97 -5.82 14.08
CA GLY A 247 -2.23 -5.29 15.20
C GLY A 247 -1.59 -6.34 16.07
N TYR A 248 -0.32 -6.12 16.44
CA TYR A 248 0.38 -7.05 17.32
C TYR A 248 -0.25 -7.07 18.72
N ARG A 249 -0.81 -5.94 19.16
CA ARG A 249 -1.22 -5.79 20.54
C ARG A 249 -2.26 -6.83 20.96
N HIS A 250 -3.11 -7.27 20.03
CA HIS A 250 -4.20 -8.19 20.35
C HIS A 250 -4.09 -9.50 19.61
N GLY A 251 -2.96 -9.78 18.97
CA GLY A 251 -2.83 -11.00 18.18
C GLY A 251 -3.86 -11.09 17.07
N GLY A 252 -4.10 -9.98 16.37
CA GLY A 252 -5.17 -9.92 15.40
C GLY A 252 -4.96 -10.77 14.17
N ARG A 253 -3.71 -11.13 13.86
CA ARG A 253 -3.46 -11.91 12.65
C ARG A 253 -3.92 -13.35 12.79
N LYS A 254 -3.81 -13.93 13.98
CA LYS A 254 -4.30 -15.27 14.21
C LYS A 254 -5.82 -15.35 14.18
N THR A 255 -6.51 -14.22 14.35
CA THR A 255 -7.97 -14.18 14.34
C THR A 255 -8.53 -13.36 13.20
N ASN A 256 -7.69 -12.88 12.28
CA ASN A 256 -8.10 -12.10 11.11
C ASN A 256 -8.85 -10.82 11.50
N LYS A 257 -8.68 -10.36 12.73
CA LYS A 257 -9.32 -9.12 13.18
C LYS A 257 -8.42 -7.95 12.80
N GLY A 258 -8.55 -7.51 11.55
CA GLY A 258 -7.67 -6.48 11.04
C GLY A 258 -8.32 -5.40 10.20
N TRP A 259 -7.49 -4.55 9.59
CA TRP A 259 -7.91 -3.42 8.78
C TRP A 259 -7.40 -3.58 7.36
N ARG A 260 -7.90 -2.74 6.46
CA ARG A 260 -7.34 -2.59 5.12
C ARG A 260 -6.77 -1.18 5.01
N LEU A 261 -5.44 -1.07 5.06
CA LEU A 261 -4.78 0.22 5.00
C LEU A 261 -3.90 0.40 3.77
N ASP A 262 -3.61 -0.66 3.04
CA ASP A 262 -2.77 -0.61 1.85
C ASP A 262 -3.64 -0.75 0.61
N TYR A 263 -3.47 0.17 -0.33
CA TYR A 263 -4.37 0.28 -1.48
C TYR A 263 -3.57 0.36 -2.77
N PHE A 264 -4.30 0.24 -3.88
CA PHE A 264 -3.80 0.52 -5.23
C PHE A 264 -4.84 1.39 -5.92
N LEU A 265 -4.76 2.70 -5.72
CA LEU A 265 -5.67 3.65 -6.36
C LEU A 265 -5.13 4.00 -7.73
N VAL A 266 -5.97 3.83 -8.75
CA VAL A 266 -5.57 4.00 -10.16
C VAL A 266 -6.52 4.99 -10.80
N SER A 267 -5.97 5.86 -11.65
CA SER A 267 -6.77 6.88 -12.32
C SER A 267 -7.85 6.26 -13.18
N GLN A 268 -8.94 7.02 -13.38
CA GLN A 268 -10.03 6.57 -14.24
C GLN A 268 -9.56 6.27 -15.66
N SER A 269 -8.49 6.92 -16.11
CA SER A 269 -8.03 6.73 -17.49
C SER A 269 -7.59 5.29 -17.73
N ILE A 270 -6.80 4.74 -16.81
CA ILE A 270 -6.23 3.41 -16.96
C ILE A 270 -6.79 2.43 -15.93
N ALA A 271 -7.94 2.75 -15.32
CA ALA A 271 -8.53 1.85 -14.34
C ALA A 271 -9.12 0.60 -15.02
N ALA A 272 -9.55 0.73 -16.26
CA ALA A 272 -10.07 -0.41 -17.00
C ALA A 272 -8.99 -1.43 -17.35
N ASN A 273 -7.74 -1.00 -17.43
CA ASN A 273 -6.64 -1.91 -17.77
C ASN A 273 -6.14 -2.72 -16.58
N VAL A 274 -6.71 -2.51 -15.39
CA VAL A 274 -6.33 -3.30 -14.22
C VAL A 274 -6.83 -4.72 -14.39
N HIS A 275 -5.93 -5.69 -14.24
CA HIS A 275 -6.30 -7.10 -14.36
C HIS A 275 -6.45 -7.79 -13.02
N ASP A 276 -5.59 -7.49 -12.05
CA ASP A 276 -5.66 -8.14 -10.75
C ASP A 276 -5.13 -7.19 -9.67
N SER A 277 -5.89 -7.06 -8.59
CA SER A 277 -5.47 -6.36 -7.39
C SER A 277 -5.64 -7.33 -6.23
N TYR A 278 -4.54 -7.96 -5.83
CA TYR A 278 -4.58 -9.08 -4.90
C TYR A 278 -3.93 -8.72 -3.57
N ILE A 279 -4.09 -9.62 -2.61
CA ILE A 279 -3.50 -9.52 -1.28
C ILE A 279 -2.89 -10.87 -0.94
N LEU A 280 -1.72 -10.85 -0.29
CA LEU A 280 -0.99 -12.06 0.09
C LEU A 280 -0.90 -12.09 1.62
N PRO A 281 -1.98 -12.50 2.31
CA PRO A 281 -1.98 -12.48 3.77
C PRO A 281 -1.21 -13.61 4.42
N ASP A 282 -0.67 -14.56 3.66
CA ASP A 282 0.11 -15.64 4.23
C ASP A 282 1.55 -15.25 4.50
N ILE A 283 2.01 -14.15 3.92
CA ILE A 283 3.41 -13.72 4.04
C ILE A 283 3.56 -12.96 5.35
N ASN A 284 4.33 -13.52 6.28
CA ASN A 284 4.51 -12.93 7.60
C ASN A 284 5.76 -12.04 7.61
N GLY A 285 6.17 -11.61 8.80
CA GLY A 285 7.33 -10.76 8.96
C GLY A 285 7.01 -9.32 9.31
N SER A 286 5.73 -8.95 9.31
CA SER A 286 5.33 -7.58 9.61
C SER A 286 3.87 -7.59 10.04
N ASP A 287 3.45 -6.50 10.69
CA ASP A 287 2.06 -6.33 11.06
C ASP A 287 1.18 -6.14 9.82
N HIS A 288 1.76 -5.79 8.69
CA HIS A 288 1.05 -5.74 7.41
C HIS A 288 1.45 -6.93 6.55
N CYS A 289 0.72 -7.10 5.46
CA CYS A 289 0.98 -8.14 4.48
C CYS A 289 1.03 -7.51 3.09
N PRO A 290 1.75 -8.11 2.16
CA PRO A 290 1.93 -7.47 0.85
C PRO A 290 0.67 -7.48 0.01
N ILE A 291 0.52 -6.44 -0.81
CA ILE A 291 -0.54 -6.35 -1.80
C ILE A 291 0.11 -6.16 -3.16
N GLY A 292 -0.63 -6.52 -4.22
CA GLY A 292 -0.07 -6.50 -5.55
C GLY A 292 -1.08 -5.96 -6.56
N LEU A 293 -0.54 -5.58 -7.71
CA LEU A 293 -1.34 -5.04 -8.81
C LEU A 293 -0.76 -5.51 -10.13
N ILE A 294 -1.62 -6.05 -11.00
CA ILE A 294 -1.25 -6.45 -12.35
C ILE A 294 -1.97 -5.49 -13.31
N LEU A 295 -1.21 -4.63 -13.96
CA LEU A 295 -1.75 -3.59 -14.83
C LEU A 295 -1.38 -3.88 -16.27
N LYS A 296 -2.37 -3.97 -17.15
CA LYS A 296 -2.13 -4.20 -18.56
C LYS A 296 -1.70 -2.91 -19.25
N LEU A 297 -0.85 -3.07 -20.26
CA LEU A 297 -0.32 -1.93 -20.99
C LEU A 297 -0.61 -2.03 -22.48
NI NI E . 3.17 0.49 11.81
O5' 3DR F . -0.10 1.98 11.36
P 3DR F . 0.88 1.92 10.09
OP1 3DR F . 1.85 0.82 10.43
OP2 3DR F . 1.49 3.30 9.97
OP3 3DR F . -0.07 1.54 8.97
C2' 3DR F . -4.73 1.96 12.56
C5' 3DR F . -1.44 1.50 11.19
C4' 3DR F . -2.31 2.02 12.32
O4' 3DR F . -2.85 3.28 11.91
C1' 3DR F . -4.25 3.37 12.23
C3' 3DR F . -3.48 1.10 12.63
O3' 3DR F . -3.37 0.47 13.91
#